data_3A7I
#
_entry.id   3A7I
#
_cell.length_a   47.583
_cell.length_b   55.598
_cell.length_c   60.481
_cell.angle_alpha   90.00
_cell.angle_beta   111.13
_cell.angle_gamma   90.00
#
_symmetry.space_group_name_H-M   'P 1 21 1'
#
loop_
_entity.id
_entity.type
_entity.pdbx_description
1 polymer 'Serine/threonine kinase 24 (STE20 homolog, yeast)'
2 non-polymer ADENINE
3 water water
#
_entity_poly.entity_id   1
_entity_poly.type   'polypeptide(L)'
_entity_poly.pdbx_seq_one_letter_code
;MAHSPVQSGLPGMQNLKADPEELFTKLEKIGKGSFGEVFKGIDNRTQKVVAIKIIDLEEAEDEIEDIQQEITVLSQCDSP
YVTKYYGSYLKDTKLWIIMEYLGGGSALDLLEPGPLDETQIATILREILKGLDYLHSEKKIHRDIKAANVLLSEHGEVKL
ADFGVAGQLTDTQIKRN(TPO)FVGTPFWMAPEVIKQSAYDSKADIWSLGITAIELARGEPPHSELHPMKVLFLIPKNNP
PTLEGNYSKPLKEFVEACLNKEPSFRPTAKELLKHKFILRNAKKTSYLTELIDRYKRWKAEQSHDDS
;
_entity_poly.pdbx_strand_id   A
#
# COMPACT_ATOMS: atom_id res chain seq x y z
N MET A 13 4.48 22.73 0.66
CA MET A 13 3.14 22.87 1.30
C MET A 13 2.52 24.23 1.05
N GLN A 14 2.30 24.52 -0.21
CA GLN A 14 1.74 25.79 -0.63
C GLN A 14 0.23 25.88 -0.34
N ASN A 15 -0.32 24.82 0.23
CA ASN A 15 -1.75 24.83 0.48
C ASN A 15 -2.13 24.40 1.90
N LEU A 16 -1.18 24.49 2.82
CA LEU A 16 -1.43 24.15 4.22
C LEU A 16 -2.60 25.02 4.73
N LYS A 17 -3.50 24.41 5.50
CA LYS A 17 -4.67 25.13 6.04
C LYS A 17 -4.48 25.23 7.55
N ALA A 18 -5.39 25.93 8.23
CA ALA A 18 -5.27 26.07 9.69
C ALA A 18 -6.63 25.90 10.37
N ASP A 19 -6.63 25.84 11.70
CA ASP A 19 -7.86 25.69 12.49
C ASP A 19 -8.69 24.48 11.98
N PRO A 20 -8.15 23.25 12.11
CA PRO A 20 -8.92 22.10 11.60
C PRO A 20 -10.15 21.81 12.42
N GLU A 21 -10.14 22.06 13.72
CA GLU A 21 -11.33 21.75 14.52
C GLU A 21 -12.55 22.59 14.16
N GLU A 22 -12.36 23.59 13.31
CA GLU A 22 -13.53 24.36 12.94
C GLU A 22 -14.22 23.59 11.80
N LEU A 23 -13.53 22.62 11.20
CA LEU A 23 -14.17 21.88 10.08
C LEU A 23 -14.28 20.38 10.34
N PHE A 24 -13.51 19.89 11.29
CA PHE A 24 -13.50 18.43 11.58
C PHE A 24 -13.60 18.20 13.05
N THR A 25 -14.15 17.05 13.44
CA THR A 25 -14.21 16.68 14.82
C THR A 25 -13.31 15.48 14.96
N LYS A 26 -12.44 15.49 15.96
CA LYS A 26 -11.53 14.38 16.18
C LYS A 26 -12.17 13.40 17.17
N LEU A 27 -12.21 12.14 16.76
CA LEU A 27 -12.77 11.07 17.56
C LEU A 27 -11.66 10.14 18.08
N GLU A 28 -11.97 8.86 18.17
CA GLU A 28 -11.00 7.94 18.75
C GLU A 28 -9.84 7.43 17.91
N LYS A 29 -8.82 6.93 18.62
CA LYS A 29 -7.62 6.35 18.01
C LYS A 29 -8.02 5.06 17.31
N ILE A 30 -7.54 4.87 16.10
CA ILE A 30 -7.84 3.68 15.34
C ILE A 30 -6.55 3.05 14.83
N GLY A 31 -5.41 3.53 15.31
CA GLY A 31 -4.16 2.96 14.87
C GLY A 31 -2.93 3.83 15.02
N LYS A 32 -1.79 3.23 14.70
CA LYS A 32 -0.51 3.92 14.74
C LYS A 32 -0.05 3.95 13.29
N GLY A 33 0.45 5.09 12.84
CA GLY A 33 0.92 5.19 11.48
C GLY A 33 2.44 5.18 11.44
N SER A 34 3.02 5.61 10.33
CA SER A 34 4.46 5.63 10.27
C SER A 34 5.01 6.76 11.14
N PHE A 35 4.28 7.86 11.20
CA PHE A 35 4.77 9.02 11.94
C PHE A 35 3.95 9.56 13.12
N GLY A 36 3.07 8.74 13.67
CA GLY A 36 2.25 9.21 14.76
C GLY A 36 1.04 8.31 14.86
N GLU A 37 -0.07 8.84 15.35
CA GLU A 37 -1.27 8.02 15.49
C GLU A 37 -2.36 8.42 14.50
N VAL A 38 -3.25 7.46 14.23
CA VAL A 38 -4.36 7.71 13.32
C VAL A 38 -5.65 7.69 14.14
N PHE A 39 -6.52 8.66 13.86
CA PHE A 39 -7.79 8.79 14.57
C PHE A 39 -8.92 8.83 13.57
N LYS A 40 -10.09 8.39 14.03
CA LYS A 40 -11.27 8.50 13.25
C LYS A 40 -11.70 9.98 13.46
N GLY A 41 -12.42 10.58 12.52
CA GLY A 41 -12.90 11.92 12.72
C GLY A 41 -14.17 12.11 11.91
N ILE A 42 -14.77 13.28 12.00
CA ILE A 42 -15.99 13.54 11.21
C ILE A 42 -15.84 14.85 10.47
N ASP A 43 -16.28 14.93 9.23
CA ASP A 43 -16.23 16.21 8.48
C ASP A 43 -17.55 16.88 8.96
N ASN A 44 -17.45 18.00 9.66
CA ASN A 44 -18.66 18.60 10.19
C ASN A 44 -19.58 19.13 9.11
N ARG A 45 -19.07 19.33 7.91
CA ARG A 45 -19.93 19.81 6.81
C ARG A 45 -20.83 18.72 6.20
N THR A 46 -20.30 17.52 6.01
CA THR A 46 -21.08 16.46 5.34
C THR A 46 -21.50 15.35 6.29
N GLN A 47 -20.90 15.33 7.47
CA GLN A 47 -21.08 14.26 8.44
C GLN A 47 -20.47 12.94 7.96
N LYS A 48 -19.59 12.98 6.93
CA LYS A 48 -18.88 11.74 6.55
C LYS A 48 -17.73 11.53 7.53
N VAL A 49 -17.33 10.28 7.69
CA VAL A 49 -16.23 9.95 8.58
C VAL A 49 -14.96 10.10 7.74
N VAL A 50 -13.89 10.52 8.42
CA VAL A 50 -12.57 10.70 7.82
C VAL A 50 -11.52 10.06 8.74
N ALA A 51 -10.31 9.94 8.22
CA ALA A 51 -9.20 9.47 9.05
C ALA A 51 -8.27 10.66 9.20
N ILE A 52 -7.77 10.84 10.41
CA ILE A 52 -6.88 11.98 10.71
C ILE A 52 -5.56 11.43 11.27
N LYS A 53 -4.46 11.65 10.55
CA LYS A 53 -3.15 11.20 11.04
C LYS A 53 -2.59 12.47 11.73
N ILE A 54 -2.27 12.35 13.02
CA ILE A 54 -1.76 13.48 13.82
C ILE A 54 -0.27 13.31 14.10
N ILE A 55 0.54 14.23 13.62
CA ILE A 55 1.97 14.07 13.86
C ILE A 55 2.51 15.21 14.69
N ASP A 56 3.14 14.85 15.80
CA ASP A 56 3.75 15.82 16.71
C ASP A 56 5.03 16.32 16.04
N LEU A 57 5.01 17.55 15.53
CA LEU A 57 6.18 18.09 14.83
C LEU A 57 7.34 18.35 15.78
N GLU A 58 7.04 18.57 17.06
CA GLU A 58 8.06 18.78 18.09
C GLU A 58 8.87 17.50 18.13
N GLU A 59 8.18 16.37 18.24
CA GLU A 59 8.87 15.08 18.28
C GLU A 59 9.54 14.73 16.96
N ALA A 60 8.86 14.98 15.86
CA ALA A 60 9.44 14.68 14.56
C ALA A 60 10.78 15.39 14.44
N GLU A 61 11.75 14.71 13.84
CA GLU A 61 13.06 15.27 13.66
C GLU A 61 13.37 15.14 12.18
N ASP A 62 14.22 14.19 11.82
CA ASP A 62 14.55 14.02 10.42
C ASP A 62 13.38 13.35 9.68
N GLU A 63 12.37 12.91 10.42
CA GLU A 63 11.19 12.29 9.79
C GLU A 63 10.46 13.34 8.98
N ILE A 64 10.52 14.59 9.45
CA ILE A 64 9.87 15.71 8.77
C ILE A 64 10.09 15.68 7.26
N GLU A 65 11.24 15.19 6.83
CA GLU A 65 11.54 15.07 5.41
C GLU A 65 10.47 14.20 4.75
N ASP A 66 10.22 13.06 5.38
CA ASP A 66 9.28 12.10 4.83
C ASP A 66 7.85 12.49 5.05
N ILE A 67 7.59 13.12 6.19
CA ILE A 67 6.26 13.59 6.49
C ILE A 67 5.96 14.61 5.41
N GLN A 68 6.92 15.48 5.09
CA GLN A 68 6.68 16.48 4.07
C GLN A 68 6.42 15.79 2.72
N GLN A 69 7.14 14.70 2.46
CA GLN A 69 6.99 14.01 1.19
C GLN A 69 5.63 13.34 1.12
N GLU A 70 5.19 12.78 2.25
CA GLU A 70 3.90 12.11 2.32
C GLU A 70 2.78 13.06 1.93
N ILE A 71 2.80 14.27 2.50
CA ILE A 71 1.75 15.24 2.18
C ILE A 71 1.81 15.71 0.76
N THR A 72 3.01 15.94 0.26
CA THR A 72 3.16 16.39 -1.10
C THR A 72 2.56 15.37 -2.06
N VAL A 73 2.96 14.12 -1.85
CA VAL A 73 2.48 13.09 -2.70
C VAL A 73 0.98 12.89 -2.56
N LEU A 74 0.46 12.81 -1.33
CA LEU A 74 -1.00 12.65 -1.19
C LEU A 74 -1.76 13.80 -1.90
N SER A 75 -1.24 15.02 -1.73
CA SER A 75 -1.92 16.16 -2.29
C SER A 75 -1.92 16.16 -3.82
N GLN A 76 -0.98 15.41 -4.44
CA GLN A 76 -0.88 15.42 -5.88
C GLN A 76 -1.60 14.27 -6.53
N CYS A 77 -2.18 13.43 -5.69
CA CYS A 77 -2.90 12.26 -6.22
C CYS A 77 -4.40 12.46 -6.21
N ASP A 78 -5.06 12.06 -7.28
CA ASP A 78 -6.51 12.13 -7.31
C ASP A 78 -6.95 10.89 -8.06
N SER A 79 -7.14 9.81 -7.31
CA SER A 79 -7.50 8.54 -7.92
C SER A 79 -8.38 7.74 -6.97
N PRO A 80 -9.34 6.99 -7.50
CA PRO A 80 -10.20 6.17 -6.63
C PRO A 80 -9.40 5.01 -5.99
N TYR A 81 -8.20 4.81 -6.51
CA TYR A 81 -7.34 3.69 -6.02
C TYR A 81 -6.25 4.15 -5.06
N VAL A 82 -6.27 5.42 -4.63
CA VAL A 82 -5.28 5.95 -3.71
C VAL A 82 -6.03 6.70 -2.64
N THR A 83 -5.71 6.48 -1.36
CA THR A 83 -6.43 7.18 -0.29
C THR A 83 -6.53 8.68 -0.57
N LYS A 84 -7.77 9.18 -0.63
CA LYS A 84 -7.97 10.62 -0.89
C LYS A 84 -7.45 11.47 0.26
N TYR A 85 -7.00 12.67 -0.12
CA TYR A 85 -6.44 13.61 0.82
C TYR A 85 -7.37 14.81 0.91
N TYR A 86 -7.69 15.18 2.14
CA TYR A 86 -8.59 16.33 2.36
C TYR A 86 -7.80 17.60 2.57
N GLY A 87 -6.67 17.44 3.23
CA GLY A 87 -5.79 18.57 3.46
C GLY A 87 -4.95 18.34 4.67
N SER A 88 -4.02 19.26 4.90
CA SER A 88 -3.13 19.23 6.03
C SER A 88 -3.41 20.52 6.73
N TYR A 89 -3.55 20.39 8.04
CA TYR A 89 -3.91 21.51 8.86
C TYR A 89 -2.91 21.63 9.97
N LEU A 90 -2.54 22.87 10.23
CA LEU A 90 -1.60 23.18 11.29
C LEU A 90 -2.38 23.49 12.54
N LYS A 91 -1.95 22.93 13.65
CA LYS A 91 -2.62 23.09 14.94
C LYS A 91 -1.64 23.03 16.15
N ASP A 92 -1.26 24.18 16.69
CA ASP A 92 -0.29 24.19 17.81
C ASP A 92 0.98 23.54 17.24
N THR A 93 1.49 22.51 17.91
CA THR A 93 2.68 21.77 17.43
C THR A 93 2.30 20.46 16.68
N LYS A 94 1.08 20.42 16.17
CA LYS A 94 0.61 19.22 15.48
C LYS A 94 0.22 19.50 14.05
N LEU A 95 0.48 18.51 13.21
CA LEU A 95 0.07 18.60 11.83
C LEU A 95 -1.04 17.54 11.76
N TRP A 96 -2.20 17.90 11.24
CA TRP A 96 -3.27 16.89 11.10
C TRP A 96 -3.33 16.64 9.61
N ILE A 97 -3.18 15.37 9.21
CA ILE A 97 -3.29 15.02 7.81
C ILE A 97 -4.64 14.30 7.72
N ILE A 98 -5.56 14.89 7.01
CA ILE A 98 -6.94 14.38 6.92
C ILE A 98 -7.16 13.65 5.61
N MET A 99 -7.56 12.39 5.78
CA MET A 99 -7.72 11.49 4.64
C MET A 99 -9.03 10.73 4.65
N GLU A 100 -9.22 10.03 3.54
CA GLU A 100 -10.34 9.15 3.30
C GLU A 100 -10.33 8.08 4.38
N TYR A 101 -11.48 7.82 4.98
CA TYR A 101 -11.60 6.80 6.00
C TYR A 101 -11.94 5.47 5.27
N LEU A 102 -11.28 4.39 5.64
CA LEU A 102 -11.56 3.10 4.97
C LEU A 102 -11.74 2.12 6.11
N GLY A 103 -13.00 1.68 6.26
CA GLY A 103 -13.39 0.86 7.39
C GLY A 103 -13.37 -0.64 7.29
N GLY A 104 -12.86 -1.15 6.18
CA GLY A 104 -12.85 -2.60 5.99
C GLY A 104 -11.63 -3.33 6.46
N GLY A 105 -10.57 -2.61 6.84
CA GLY A 105 -9.35 -3.28 7.28
C GLY A 105 -8.34 -3.33 6.14
N SER A 106 -7.11 -3.62 6.48
CA SER A 106 -6.13 -3.78 5.44
C SER A 106 -6.19 -5.19 4.86
N ALA A 107 -5.59 -5.40 3.71
CA ALA A 107 -5.57 -6.76 3.15
C ALA A 107 -4.83 -7.69 4.10
N LEU A 108 -3.81 -7.18 4.81
CA LEU A 108 -3.13 -8.02 5.79
C LEU A 108 -4.09 -8.43 6.89
N ASP A 109 -4.92 -7.51 7.37
CA ASP A 109 -5.87 -7.89 8.40
C ASP A 109 -6.77 -8.98 7.89
N LEU A 110 -7.23 -8.82 6.66
CA LEU A 110 -8.13 -9.76 6.06
C LEU A 110 -7.59 -11.14 5.88
N LEU A 111 -6.25 -11.27 5.91
CA LEU A 111 -5.64 -12.61 5.80
C LEU A 111 -5.59 -13.27 7.17
N GLU A 112 -5.76 -12.54 8.26
CA GLU A 112 -5.64 -13.19 9.57
C GLU A 112 -6.52 -14.40 9.86
N PRO A 113 -7.79 -14.41 9.42
CA PRO A 113 -8.64 -15.57 9.72
C PRO A 113 -8.31 -16.81 8.97
N GLY A 114 -7.56 -16.69 7.89
CA GLY A 114 -7.29 -17.88 7.11
C GLY A 114 -7.04 -17.54 5.64
N PRO A 115 -6.80 -18.52 4.78
CA PRO A 115 -6.51 -18.29 3.38
C PRO A 115 -7.59 -17.64 2.57
N LEU A 116 -7.14 -16.92 1.54
CA LEU A 116 -8.03 -16.33 0.55
C LEU A 116 -8.18 -17.32 -0.56
N ASP A 117 -9.24 -17.18 -1.35
CA ASP A 117 -9.39 -18.01 -2.52
C ASP A 117 -8.86 -17.22 -3.73
N GLU A 118 -8.65 -17.86 -4.88
CA GLU A 118 -8.07 -17.16 -6.03
C GLU A 118 -8.89 -16.03 -6.59
N THR A 119 -10.22 -16.06 -6.43
CA THR A 119 -11.03 -14.97 -6.92
C THR A 119 -10.74 -13.79 -6.00
N GLN A 120 -10.63 -14.01 -4.68
CA GLN A 120 -10.34 -12.86 -3.82
C GLN A 120 -8.92 -12.31 -4.12
N ILE A 121 -7.95 -13.18 -4.32
CA ILE A 121 -6.58 -12.75 -4.63
C ILE A 121 -6.56 -11.93 -5.89
N ALA A 122 -7.20 -12.41 -6.96
CA ALA A 122 -7.21 -11.68 -8.22
C ALA A 122 -7.94 -10.35 -8.13
N THR A 123 -9.04 -10.32 -7.36
CA THR A 123 -9.79 -9.08 -7.25
C THR A 123 -8.95 -8.01 -6.56
N ILE A 124 -8.28 -8.41 -5.49
CA ILE A 124 -7.45 -7.48 -4.75
C ILE A 124 -6.27 -7.07 -5.61
N LEU A 125 -5.61 -8.01 -6.26
CA LEU A 125 -4.51 -7.64 -7.14
C LEU A 125 -4.87 -6.70 -8.30
N ARG A 126 -6.07 -6.91 -8.90
CA ARG A 126 -6.51 -6.05 -9.98
C ARG A 126 -6.63 -4.60 -9.47
N GLU A 127 -7.24 -4.43 -8.28
CA GLU A 127 -7.38 -3.06 -7.77
C GLU A 127 -6.02 -2.45 -7.42
N ILE A 128 -5.11 -3.23 -6.85
CA ILE A 128 -3.80 -2.69 -6.56
C ILE A 128 -3.12 -2.26 -7.86
N LEU A 129 -3.23 -3.06 -8.91
CA LEU A 129 -2.64 -2.76 -10.21
C LEU A 129 -3.23 -1.44 -10.80
N LYS A 130 -4.53 -1.22 -10.58
CA LYS A 130 -5.11 0.06 -11.07
C LYS A 130 -4.48 1.23 -10.32
N GLY A 131 -4.24 1.08 -9.02
CA GLY A 131 -3.55 2.11 -8.27
C GLY A 131 -2.11 2.31 -8.73
N LEU A 132 -1.39 1.21 -8.97
CA LEU A 132 -0.03 1.32 -9.48
C LEU A 132 0.01 1.96 -10.85
N ASP A 133 -0.93 1.59 -11.71
CA ASP A 133 -0.94 2.19 -13.06
C ASP A 133 -1.12 3.72 -12.90
N TYR A 134 -2.05 4.12 -12.04
CA TYR A 134 -2.20 5.58 -11.80
C TYR A 134 -0.91 6.23 -11.31
N LEU A 135 -0.34 5.67 -10.24
CA LEU A 135 0.85 6.29 -9.70
C LEU A 135 1.99 6.34 -10.71
N HIS A 136 2.21 5.22 -11.41
CA HIS A 136 3.29 5.14 -12.35
C HIS A 136 3.11 6.12 -13.50
N SER A 137 1.86 6.31 -13.90
CA SER A 137 1.57 7.25 -15.00
C SER A 137 1.88 8.67 -14.52
N GLU A 138 1.80 8.91 -13.22
CA GLU A 138 2.14 10.22 -12.62
C GLU A 138 3.60 10.32 -12.21
N LYS A 139 4.40 9.35 -12.63
CA LYS A 139 5.81 9.29 -12.30
C LYS A 139 6.10 9.12 -10.85
N LYS A 140 5.15 8.49 -10.15
CA LYS A 140 5.34 8.25 -8.72
C LYS A 140 5.62 6.77 -8.52
N ILE A 141 6.44 6.46 -7.53
CA ILE A 141 6.75 5.03 -7.21
C ILE A 141 6.31 4.91 -5.74
N HIS A 142 5.47 3.92 -5.36
CA HIS A 142 5.02 3.79 -3.99
C HIS A 142 6.12 3.41 -3.02
N ARG A 143 6.89 2.40 -3.45
CA ARG A 143 8.05 1.86 -2.72
C ARG A 143 7.80 1.09 -1.45
N ASP A 144 6.55 0.94 -1.06
CA ASP A 144 6.24 0.15 0.13
C ASP A 144 4.94 -0.64 -0.11
N ILE A 145 4.87 -1.26 -1.28
CA ILE A 145 3.70 -2.11 -1.61
C ILE A 145 3.82 -3.42 -0.80
N LYS A 146 2.79 -3.69 -0.04
CA LYS A 146 2.65 -4.92 0.78
C LYS A 146 1.22 -4.96 1.26
N ALA A 147 0.71 -6.09 1.68
CA ALA A 147 -0.69 -6.16 2.08
C ALA A 147 -1.16 -5.19 3.18
N ALA A 148 -0.25 -4.84 4.06
CA ALA A 148 -0.57 -3.88 5.14
C ALA A 148 -0.87 -2.49 4.63
N ASN A 149 -0.40 -2.19 3.42
CA ASN A 149 -0.65 -0.84 2.89
C ASN A 149 -1.72 -0.85 1.82
N VAL A 150 -2.51 -1.91 1.79
CA VAL A 150 -3.67 -2.00 0.84
C VAL A 150 -4.89 -2.00 1.76
N LEU A 151 -5.70 -0.94 1.66
CA LEU A 151 -6.81 -0.74 2.57
C LEU A 151 -8.11 -0.89 1.87
N LEU A 152 -9.10 -1.39 2.59
CA LEU A 152 -10.42 -1.60 1.97
C LEU A 152 -11.51 -0.79 2.65
N SER A 153 -12.49 -0.37 1.84
CA SER A 153 -13.69 0.27 2.42
C SER A 153 -14.57 -0.84 2.99
N GLU A 154 -15.64 -0.48 3.72
CA GLU A 154 -16.44 -1.53 4.30
C GLU A 154 -17.24 -2.29 3.26
N HIS A 155 -17.27 -1.77 2.05
CA HIS A 155 -17.99 -2.43 0.97
C HIS A 155 -17.10 -3.03 -0.07
N GLY A 156 -15.81 -3.11 0.27
CA GLY A 156 -14.92 -3.80 -0.61
C GLY A 156 -14.06 -3.02 -1.57
N GLU A 157 -14.14 -1.67 -1.60
CA GLU A 157 -13.27 -0.95 -2.51
C GLU A 157 -11.85 -1.05 -1.95
N VAL A 158 -10.86 -1.05 -2.83
CA VAL A 158 -9.45 -1.27 -2.43
C VAL A 158 -8.62 -0.05 -2.84
N LYS A 159 -7.84 0.52 -1.91
CA LYS A 159 -6.99 1.64 -2.19
C LYS A 159 -5.57 1.45 -1.62
N LEU A 160 -4.59 2.04 -2.29
CA LEU A 160 -3.23 2.05 -1.78
C LEU A 160 -3.13 3.15 -0.73
N ALA A 161 -2.30 2.91 0.29
CA ALA A 161 -2.09 3.85 1.39
C ALA A 161 -0.61 3.88 1.77
N ASP A 162 -0.29 4.84 2.61
CA ASP A 162 1.05 5.01 3.25
C ASP A 162 2.10 5.41 2.27
N PHE A 163 2.09 6.71 1.97
CA PHE A 163 3.01 7.29 0.99
C PHE A 163 4.26 7.94 1.57
N GLY A 164 4.56 7.54 2.79
CA GLY A 164 5.72 8.11 3.47
C GLY A 164 7.06 7.91 2.84
N VAL A 165 7.22 6.86 2.05
CA VAL A 165 8.51 6.67 1.38
C VAL A 165 8.39 6.68 -0.14
N ALA A 166 7.31 7.23 -0.65
CA ALA A 166 7.10 7.29 -2.08
C ALA A 166 8.19 8.15 -2.78
N GLY A 167 8.45 7.84 -4.03
CA GLY A 167 9.44 8.53 -4.83
C GLY A 167 8.78 9.20 -6.04
N GLN A 168 9.36 10.31 -6.45
CA GLN A 168 8.86 11.03 -7.59
C GLN A 168 9.93 11.19 -8.65
N LEU A 169 9.62 10.75 -9.84
CA LEU A 169 10.55 10.90 -10.99
C LEU A 169 10.17 12.20 -11.67
N THR A 170 11.15 12.80 -12.34
CA THR A 170 10.90 14.08 -13.03
C THR A 170 11.71 14.02 -14.28
N ASP A 171 11.57 15.02 -15.13
CA ASP A 171 12.33 15.06 -16.38
C ASP A 171 13.85 15.00 -16.10
N THR A 172 14.32 15.60 -15.02
CA THR A 172 15.76 15.58 -14.75
C THR A 172 16.24 14.41 -13.86
N GLN A 173 15.29 13.67 -13.29
CA GLN A 173 15.64 12.55 -12.43
C GLN A 173 14.73 11.41 -12.85
N ILE A 174 15.25 10.60 -13.73
CA ILE A 174 14.48 9.50 -14.30
C ILE A 174 14.55 8.22 -13.49
N LYS A 175 15.38 8.18 -12.46
CA LYS A 175 15.49 6.98 -11.58
C LYS A 175 15.72 7.46 -10.17
N ARG A 176 15.41 6.62 -9.20
CA ARG A 176 15.68 6.89 -7.80
C ARG A 176 16.77 5.87 -7.38
N ASN A 177 17.41 6.11 -6.23
CA ASN A 177 18.41 5.16 -5.70
C ASN A 177 18.25 4.96 -4.21
N PHE A 179 17.47 3.66 -0.52
CA PHE A 179 17.12 2.41 0.15
C PHE A 179 15.91 2.67 1.06
N VAL A 180 14.71 2.27 0.62
CA VAL A 180 13.51 2.42 1.41
C VAL A 180 12.60 1.28 1.05
N GLY A 181 11.66 1.04 1.95
CA GLY A 181 10.70 -0.06 1.78
C GLY A 181 10.72 -0.94 3.00
N THR A 182 10.16 -2.15 2.83
CA THR A 182 10.13 -3.11 3.94
C THR A 182 10.94 -4.23 3.33
N PRO A 183 12.04 -4.67 4.01
CA PRO A 183 12.91 -5.71 3.44
C PRO A 183 12.31 -6.90 2.67
N PHE A 184 11.38 -7.59 3.27
CA PHE A 184 10.90 -8.77 2.56
C PHE A 184 10.27 -8.46 1.23
N TRP A 185 9.78 -7.24 1.07
CA TRP A 185 9.10 -6.86 -0.19
C TRP A 185 9.94 -6.08 -1.16
N MET A 186 11.18 -5.74 -0.77
CA MET A 186 12.03 -4.89 -1.60
C MET A 186 12.60 -5.56 -2.79
N ALA A 187 12.66 -4.86 -3.90
CA ALA A 187 13.26 -5.38 -5.11
C ALA A 187 14.78 -5.46 -4.93
N PRO A 188 15.44 -6.36 -5.64
CA PRO A 188 16.89 -6.48 -5.49
C PRO A 188 17.63 -5.23 -5.87
N GLU A 189 17.17 -4.50 -6.89
CA GLU A 189 17.89 -3.29 -7.27
C GLU A 189 17.70 -2.21 -6.23
N VAL A 190 16.66 -2.28 -5.39
CA VAL A 190 16.49 -1.23 -4.35
C VAL A 190 17.43 -1.56 -3.21
N ILE A 191 17.60 -2.82 -2.90
CA ILE A 191 18.52 -3.21 -1.83
C ILE A 191 19.92 -2.83 -2.22
N LYS A 192 20.25 -3.00 -3.47
CA LYS A 192 21.61 -2.69 -3.97
C LYS A 192 21.78 -1.20 -4.18
N GLN A 193 20.69 -0.45 -3.99
CA GLN A 193 20.69 0.98 -4.23
C GLN A 193 21.16 1.39 -5.66
N SER A 194 20.78 0.59 -6.63
CA SER A 194 21.04 0.84 -8.01
C SER A 194 20.00 1.89 -8.42
N ALA A 195 20.10 2.35 -9.66
CA ALA A 195 19.15 3.33 -10.20
C ALA A 195 17.93 2.49 -10.55
N TYR A 196 16.79 2.83 -9.97
CA TYR A 196 15.56 2.02 -10.22
C TYR A 196 14.37 2.91 -10.49
N ASP A 197 13.29 2.31 -10.93
CA ASP A 197 12.08 3.09 -11.20
C ASP A 197 10.84 2.35 -10.78
N SER A 198 9.74 2.56 -11.48
CA SER A 198 8.48 1.94 -11.10
C SER A 198 8.52 0.42 -11.17
N LYS A 199 9.49 -0.13 -11.90
CA LYS A 199 9.55 -1.58 -11.90
C LYS A 199 9.84 -2.16 -10.51
N ALA A 200 10.40 -1.38 -9.61
CA ALA A 200 10.64 -1.89 -8.26
C ALA A 200 9.29 -2.18 -7.61
N ASP A 201 8.25 -1.39 -7.90
CA ASP A 201 6.90 -1.67 -7.32
C ASP A 201 6.29 -2.99 -7.91
N ILE A 202 6.67 -3.32 -9.17
CA ILE A 202 6.15 -4.56 -9.79
C ILE A 202 6.74 -5.78 -9.06
N TRP A 203 8.03 -5.69 -8.66
CA TRP A 203 8.61 -6.79 -7.87
C TRP A 203 7.84 -6.84 -6.54
N SER A 204 7.66 -5.70 -5.85
CA SER A 204 6.93 -5.74 -4.60
C SER A 204 5.52 -6.30 -4.73
N LEU A 205 4.88 -6.01 -5.90
CA LEU A 205 3.55 -6.57 -6.16
C LEU A 205 3.62 -8.12 -6.26
N GLY A 206 4.67 -8.60 -6.92
CA GLY A 206 4.83 -10.07 -6.95
C GLY A 206 4.98 -10.67 -5.57
N ILE A 207 5.75 -10.00 -4.70
CA ILE A 207 5.84 -10.52 -3.37
C ILE A 207 4.50 -10.43 -2.66
N THR A 208 3.77 -9.34 -2.87
CA THR A 208 2.44 -9.19 -2.29
C THR A 208 1.49 -10.29 -2.80
N ALA A 209 1.64 -10.71 -4.08
CA ALA A 209 0.78 -11.79 -4.55
C ALA A 209 1.10 -13.07 -3.77
N ILE A 210 2.39 -13.32 -3.49
CA ILE A 210 2.69 -14.54 -2.72
C ILE A 210 2.12 -14.35 -1.30
N GLU A 211 2.23 -13.13 -0.76
CA GLU A 211 1.68 -12.88 0.57
C GLU A 211 0.15 -13.10 0.60
N LEU A 212 -0.56 -12.69 -0.47
CA LEU A 212 -2.02 -12.88 -0.48
C LEU A 212 -2.38 -14.34 -0.66
N ALA A 213 -1.48 -15.11 -1.30
CA ALA A 213 -1.73 -16.54 -1.53
C ALA A 213 -1.35 -17.45 -0.38
N ARG A 214 -0.25 -17.11 0.28
CA ARG A 214 0.32 -17.90 1.36
C ARG A 214 0.16 -17.34 2.71
N GLY A 215 -0.09 -16.02 2.85
CA GLY A 215 -0.26 -15.40 4.15
C GLY A 215 0.94 -14.59 4.62
N GLU A 216 2.09 -14.84 3.99
CA GLU A 216 3.35 -14.18 4.39
C GLU A 216 4.28 -14.14 3.20
N PRO A 217 5.18 -13.15 3.16
CA PRO A 217 6.14 -13.07 2.05
C PRO A 217 7.22 -14.09 2.22
N PRO A 218 7.97 -14.36 1.16
CA PRO A 218 9.11 -15.29 1.26
C PRO A 218 10.07 -14.74 2.35
N HIS A 219 10.73 -15.69 3.03
CA HIS A 219 11.71 -15.43 4.06
C HIS A 219 11.18 -14.74 5.29
N SER A 220 9.87 -14.81 5.54
CA SER A 220 9.29 -14.04 6.62
C SER A 220 9.76 -14.38 8.05
N GLU A 221 10.29 -15.59 8.21
CA GLU A 221 10.77 -16.04 9.52
C GLU A 221 12.21 -15.65 9.78
N LEU A 222 12.89 -15.10 8.79
CA LEU A 222 14.27 -14.68 8.96
C LEU A 222 14.40 -13.24 9.44
N HIS A 223 15.53 -12.93 10.07
CA HIS A 223 15.74 -11.56 10.50
C HIS A 223 15.90 -10.72 9.22
N PRO A 224 15.27 -9.54 9.21
CA PRO A 224 15.38 -8.69 8.01
C PRO A 224 16.77 -8.38 7.47
N MET A 225 17.82 -8.28 8.31
CA MET A 225 19.15 -7.98 7.78
C MET A 225 19.64 -9.12 6.90
N LYS A 226 19.21 -10.33 7.24
CA LYS A 226 19.59 -11.53 6.48
C LYS A 226 18.96 -11.49 5.09
N VAL A 227 17.74 -10.99 5.00
CA VAL A 227 17.12 -11.00 3.69
C VAL A 227 17.79 -9.98 2.80
N LEU A 228 18.47 -9.00 3.38
CA LEU A 228 19.16 -8.03 2.55
C LEU A 228 20.29 -8.64 1.74
N PHE A 229 20.82 -9.81 2.15
CA PHE A 229 21.78 -10.40 1.25
C PHE A 229 21.10 -11.55 0.50
N LEU A 230 20.09 -12.15 1.08
CA LEU A 230 19.41 -13.25 0.39
C LEU A 230 18.66 -12.83 -0.89
N ILE A 231 18.02 -11.68 -0.85
CA ILE A 231 17.23 -11.31 -2.01
C ILE A 231 18.07 -11.04 -3.24
N PRO A 232 19.19 -10.32 -3.13
CA PRO A 232 19.99 -10.09 -4.33
C PRO A 232 20.71 -11.32 -4.81
N LYS A 233 21.10 -12.16 -3.88
CA LYS A 233 21.84 -13.36 -4.24
C LYS A 233 20.97 -14.47 -4.80
N ASN A 234 19.91 -14.85 -4.08
CA ASN A 234 19.12 -16.00 -4.51
C ASN A 234 18.32 -15.80 -5.77
N ASN A 235 17.94 -16.92 -6.37
CA ASN A 235 17.02 -16.86 -7.50
C ASN A 235 15.74 -16.22 -6.90
N PRO A 236 14.93 -15.64 -7.77
CA PRO A 236 13.70 -15.01 -7.31
C PRO A 236 12.74 -16.04 -6.74
N PRO A 237 11.89 -15.61 -5.83
CA PRO A 237 10.90 -16.53 -5.24
C PRO A 237 9.92 -16.97 -6.31
N THR A 238 9.33 -18.14 -6.06
CA THR A 238 8.23 -18.58 -6.90
C THR A 238 7.09 -18.93 -5.92
N LEU A 239 5.89 -19.06 -6.48
CA LEU A 239 4.73 -19.42 -5.65
C LEU A 239 4.64 -20.95 -5.63
N GLU A 240 4.86 -21.53 -4.47
CA GLU A 240 4.80 -23.01 -4.32
C GLU A 240 3.51 -23.39 -3.65
N GLY A 241 2.98 -24.54 -4.07
CA GLY A 241 1.71 -25.04 -3.54
C GLY A 241 0.71 -25.27 -4.67
N ASN A 242 -0.47 -25.68 -4.25
CA ASN A 242 -1.50 -26.02 -5.24
C ASN A 242 -2.30 -24.80 -5.60
N TYR A 243 -1.75 -24.05 -6.53
CA TYR A 243 -2.33 -22.83 -7.04
C TYR A 243 -2.44 -22.97 -8.53
N SER A 244 -3.41 -22.26 -9.12
CA SER A 244 -3.59 -22.32 -10.57
C SER A 244 -2.33 -21.88 -11.34
N LYS A 245 -2.14 -22.42 -12.53
CA LYS A 245 -1.02 -22.09 -13.34
C LYS A 245 -0.95 -20.56 -13.63
N PRO A 246 -2.09 -19.91 -13.96
CA PRO A 246 -2.00 -18.47 -14.22
C PRO A 246 -1.54 -17.69 -13.00
N LEU A 247 -1.96 -18.10 -11.81
CA LEU A 247 -1.43 -17.37 -10.61
C LEU A 247 0.08 -17.58 -10.47
N LYS A 248 0.57 -18.81 -10.64
CA LYS A 248 1.98 -19.00 -10.54
C LYS A 248 2.75 -18.22 -11.57
N GLU A 249 2.18 -18.14 -12.78
CA GLU A 249 2.86 -17.42 -13.85
C GLU A 249 2.80 -15.88 -13.59
N PHE A 250 1.71 -15.41 -12.98
CA PHE A 250 1.63 -13.97 -12.63
C PHE A 250 2.77 -13.64 -11.70
N VAL A 251 2.95 -14.47 -10.69
CA VAL A 251 4.05 -14.23 -9.72
C VAL A 251 5.41 -14.24 -10.41
N GLU A 252 5.66 -15.23 -11.25
CA GLU A 252 6.93 -15.35 -11.94
C GLU A 252 7.21 -14.12 -12.83
N ALA A 253 6.18 -13.61 -13.51
CA ALA A 253 6.38 -12.45 -14.38
C ALA A 253 6.87 -11.22 -13.58
N CYS A 254 6.27 -11.05 -12.39
CA CYS A 254 6.66 -9.92 -11.53
C CYS A 254 8.04 -10.08 -10.95
N LEU A 255 8.38 -11.31 -10.58
CA LEU A 255 9.63 -11.55 -9.85
C LEU A 255 10.76 -11.96 -10.78
N ASN A 256 11.11 -11.04 -11.64
CA ASN A 256 12.27 -11.19 -12.52
C ASN A 256 13.40 -10.35 -11.93
N LYS A 257 14.62 -10.88 -11.78
CA LYS A 257 15.69 -10.05 -11.24
C LYS A 257 16.05 -8.90 -12.15
N GLU A 258 15.77 -8.98 -13.46
CA GLU A 258 16.07 -7.86 -14.39
C GLU A 258 14.82 -7.02 -14.45
N PRO A 259 14.88 -5.78 -13.94
CA PRO A 259 13.66 -4.97 -13.93
C PRO A 259 12.99 -4.75 -15.27
N SER A 260 13.82 -4.53 -16.30
CA SER A 260 13.24 -4.28 -17.62
C SER A 260 12.44 -5.45 -18.20
N PHE A 261 12.59 -6.63 -17.64
CA PHE A 261 11.83 -7.79 -18.11
C PHE A 261 10.52 -7.97 -17.30
N ARG A 262 10.32 -7.18 -16.27
CA ARG A 262 9.06 -7.23 -15.53
C ARG A 262 8.02 -6.46 -16.35
N PRO A 263 6.77 -6.94 -16.37
CA PRO A 263 5.76 -6.19 -17.13
C PRO A 263 5.35 -4.94 -16.36
N THR A 264 4.69 -4.04 -17.06
CA THR A 264 4.19 -2.84 -16.38
C THR A 264 2.86 -3.19 -15.71
N ALA A 265 2.37 -2.29 -14.85
CA ALA A 265 1.06 -2.52 -14.26
C ALA A 265 -0.08 -2.67 -15.30
N LYS A 266 0.00 -1.80 -16.30
CA LYS A 266 -1.00 -1.83 -17.35
C LYS A 266 -0.97 -3.21 -18.03
N GLU A 267 0.20 -3.76 -18.29
CA GLU A 267 0.29 -5.08 -18.89
C GLU A 267 -0.27 -6.18 -18.00
N LEU A 268 0.04 -6.13 -16.68
CA LEU A 268 -0.48 -7.14 -15.78
C LEU A 268 -2.00 -7.12 -15.65
N LEU A 269 -2.64 -5.97 -15.89
CA LEU A 269 -4.12 -5.92 -15.83
C LEU A 269 -4.72 -6.77 -16.92
N LYS A 270 -3.90 -7.16 -17.91
CA LYS A 270 -4.37 -8.03 -19.00
C LYS A 270 -3.95 -9.49 -18.80
N HIS A 271 -3.32 -9.76 -17.67
CA HIS A 271 -2.84 -11.14 -17.43
C HIS A 271 -4.03 -12.09 -17.26
N LYS A 272 -3.83 -13.33 -17.77
CA LYS A 272 -4.82 -14.34 -17.70
C LYS A 272 -5.33 -14.56 -16.27
N PHE A 273 -4.41 -14.46 -15.29
CA PHE A 273 -4.89 -14.69 -13.92
C PHE A 273 -5.96 -13.70 -13.50
N ILE A 274 -5.68 -12.44 -13.83
CA ILE A 274 -6.60 -11.38 -13.48
C ILE A 274 -7.90 -11.48 -14.30
N LEU A 275 -7.76 -11.72 -15.59
CA LEU A 275 -8.97 -11.79 -16.47
C LEU A 275 -9.88 -12.94 -16.12
N ARG A 276 -9.28 -14.07 -15.79
CA ARG A 276 -10.10 -15.23 -15.48
C ARG A 276 -10.69 -15.27 -14.09
N ASN A 277 -10.05 -14.58 -13.16
CA ASN A 277 -10.46 -14.71 -11.75
C ASN A 277 -11.00 -13.52 -11.00
N ALA A 278 -10.67 -12.29 -11.46
CA ALA A 278 -11.10 -11.12 -10.72
C ALA A 278 -12.59 -10.91 -10.93
N LYS A 279 -13.28 -10.59 -9.86
CA LYS A 279 -14.72 -10.35 -9.93
C LYS A 279 -15.04 -9.00 -9.28
N LYS A 280 -16.32 -8.70 -9.08
CA LYS A 280 -16.62 -7.43 -8.51
C LYS A 280 -16.04 -7.21 -7.12
N THR A 281 -15.61 -5.99 -6.85
CA THR A 281 -15.06 -5.70 -5.52
C THR A 281 -16.13 -5.85 -4.43
N SER A 282 -17.40 -5.69 -4.75
CA SER A 282 -18.42 -5.87 -3.72
C SER A 282 -18.37 -7.28 -3.05
N TYR A 283 -17.94 -8.32 -3.76
CA TYR A 283 -17.89 -9.61 -3.11
C TYR A 283 -16.84 -9.64 -2.01
N LEU A 284 -15.90 -8.69 -2.03
CA LEU A 284 -14.92 -8.70 -0.94
C LEU A 284 -15.55 -8.41 0.42
N THR A 285 -16.80 -7.95 0.44
CA THR A 285 -17.46 -7.75 1.73
C THR A 285 -17.52 -9.06 2.53
N GLU A 286 -17.54 -10.22 1.85
CA GLU A 286 -17.57 -11.49 2.58
C GLU A 286 -16.28 -11.65 3.42
N LEU A 287 -15.17 -11.20 2.85
CA LEU A 287 -13.90 -11.28 3.59
C LEU A 287 -13.85 -10.26 4.71
N ILE A 288 -14.42 -9.08 4.49
CA ILE A 288 -14.46 -8.10 5.52
C ILE A 288 -15.34 -8.63 6.69
N ASP A 289 -16.46 -9.25 6.36
CA ASP A 289 -17.31 -9.82 7.41
C ASP A 289 -16.61 -11.00 8.13
N ARG A 290 -15.84 -11.77 7.39
CA ARG A 290 -15.12 -12.89 8.03
C ARG A 290 -14.13 -12.33 9.07
N TYR A 291 -13.44 -11.24 8.73
CA TYR A 291 -12.51 -10.64 9.67
C TYR A 291 -13.26 -10.10 10.88
N LYS A 292 -14.37 -9.37 10.67
CA LYS A 292 -15.11 -8.90 11.83
C LYS A 292 -15.57 -10.04 12.75
N ARG A 293 -16.01 -11.14 12.16
CA ARG A 293 -16.44 -12.27 13.02
C ARG A 293 -15.25 -12.87 13.74
N TRP A 294 -14.14 -13.04 13.03
CA TRP A 294 -12.98 -13.62 13.61
C TRP A 294 -12.42 -12.71 14.74
N LYS A 295 -12.36 -11.41 14.53
CA LYS A 295 -11.86 -10.49 15.51
C LYS A 295 -12.69 -10.47 16.79
N ALA A 296 -14.00 -10.64 16.61
CA ALA A 296 -14.95 -10.61 17.71
C ALA A 296 -14.82 -11.82 18.56
N GLU A 297 -14.45 -12.94 17.98
CA GLU A 297 -14.36 -14.12 18.80
C GLU A 297 -12.95 -14.38 19.28
N GLN A 298 -12.00 -13.62 18.78
CA GLN A 298 -10.60 -13.78 19.18
C GLN A 298 -10.50 -13.57 20.67
N SER A 299 -9.87 -14.54 21.36
CA SER A 299 -9.67 -14.46 22.80
C SER A 299 -8.36 -13.75 23.10
#